data_4H1J
#
_entry.id   4H1J
#
_cell.length_a   37.945
_cell.length_b   82.923
_cell.length_c   85.728
_cell.angle_alpha   90.00
_cell.angle_beta   90.00
_cell.angle_gamma   90.00
#
_symmetry.space_group_name_H-M   'P 21 21 21'
#
loop_
_entity.id
_entity.type
_entity.pdbx_description
1 polymer 'Protein-tyrosine kinase 2-beta'
2 non-polymer 1-[3-tert-butyl-1-(4-methylphenyl)-1H-pyrazol-5-yl]-3-[3-(4-methoxy-2-methylphenyl)-1H-pyrazol-5-yl]urea
3 water water
#
_entity_poly.entity_id   1
_entity_poly.type   'polypeptide(L)'
_entity_poly.pdbx_seq_one_letter_code
;MHHHHHHSSGLVPRGSPQYGIAREDVVLNRILGEGFFGEVYEGVYTNHKGEKINVAVKTCKKDCTLDNKEKFMSEAVIMK
NLDHPHIVKLIGIIEEEPTWIIMELYPYGELGHYLERNKNSLKVLTLVLYSLQICKAMAYLESINCVHRDIAVRNILVAS
PECVKLGDFGLSRYIEDEDYYKASVTRLPIKWMSPESINFRRFTTASDVWMFAVCMWEILSFGKQPFFWLENKDVIGVLE
KGDRLPKPDLCPPVLYTLMTRCWDYDPSDRPRFTELVCSLSDVYQMEKDIAME
;
_entity_poly.pdbx_strand_id   A
#
loop_
_chem_comp.id
_chem_comp.type
_chem_comp.name
_chem_comp.formula
0YH non-polymer 1-[3-tert-butyl-1-(4-methylphenyl)-1H-pyrazol-5-yl]-3-[3-(4-methoxy-2-methylphenyl)-1H-pyrazol-5-yl]urea 'C26 H30 N6 O2'
#
# COMPACT_ATOMS: atom_id res chain seq x y z
N GLY A 20 -19.78 13.40 11.78
CA GLY A 20 -20.27 14.71 11.35
C GLY A 20 -20.45 14.79 9.85
N ILE A 21 -20.01 15.92 9.26
CA ILE A 21 -20.04 16.22 7.81
C ILE A 21 -21.43 16.18 7.14
N ALA A 22 -21.92 17.35 6.70
CA ALA A 22 -23.19 17.46 5.98
C ALA A 22 -22.90 17.25 4.49
N ARG A 23 -23.85 16.65 3.74
CA ARG A 23 -23.69 16.38 2.31
C ARG A 23 -23.45 17.63 1.47
N GLU A 24 -24.05 18.78 1.86
CA GLU A 24 -23.92 20.08 1.17
C GLU A 24 -22.47 20.55 1.06
N ASP A 25 -21.62 20.17 2.05
CA ASP A 25 -20.19 20.48 2.13
C ASP A 25 -19.35 19.70 1.10
N VAL A 26 -19.90 18.59 0.55
CA VAL A 26 -19.18 17.73 -0.40
C VAL A 26 -19.73 17.83 -1.83
N VAL A 27 -18.85 18.14 -2.79
CA VAL A 27 -19.23 18.23 -4.19
C VAL A 27 -18.45 17.11 -4.94
N LEU A 28 -19.16 16.27 -5.70
CA LEU A 28 -18.55 15.20 -6.50
C LEU A 28 -18.17 15.75 -7.86
N ASN A 29 -16.97 15.42 -8.35
CA ASN A 29 -16.46 15.94 -9.62
C ASN A 29 -16.32 14.96 -10.77
N ARG A 30 -15.66 13.81 -10.54
CA ARG A 30 -15.43 12.74 -11.53
C ARG A 30 -15.18 11.39 -10.87
N ILE A 31 -15.47 10.28 -11.58
CA ILE A 31 -15.27 8.90 -11.10
C ILE A 31 -13.77 8.59 -11.03
N LEU A 32 -13.29 8.18 -9.84
CA LEU A 32 -11.89 7.82 -9.58
C LEU A 32 -11.68 6.38 -10.05
N GLY A 33 -12.67 5.54 -9.79
CA GLY A 33 -12.65 4.13 -10.16
C GLY A 33 -13.83 3.38 -9.61
N GLU A 34 -13.80 2.04 -9.75
CA GLU A 34 -14.86 1.17 -9.25
C GLU A 34 -14.32 0.36 -8.08
N GLY A 35 -14.99 0.50 -6.94
CA GLY A 35 -14.67 -0.24 -5.72
C GLY A 35 -15.56 -1.46 -5.65
N PHE A 36 -15.28 -2.37 -4.71
CA PHE A 36 -16.06 -3.60 -4.53
C PHE A 36 -17.56 -3.31 -4.31
N PHE A 37 -17.87 -2.34 -3.44
CA PHE A 37 -19.26 -2.01 -3.08
C PHE A 37 -19.96 -0.99 -4.00
N GLY A 38 -19.19 -0.25 -4.77
CA GLY A 38 -19.72 0.76 -5.69
C GLY A 38 -18.66 1.70 -6.21
N GLU A 39 -19.04 2.68 -7.04
CA GLU A 39 -18.10 3.64 -7.62
C GLU A 39 -17.44 4.52 -6.57
N VAL A 40 -16.23 4.95 -6.87
CA VAL A 40 -15.47 5.85 -6.01
C VAL A 40 -15.30 7.13 -6.80
N TYR A 41 -15.62 8.28 -6.19
CA TYR A 41 -15.58 9.58 -6.86
C TYR A 41 -14.52 10.49 -6.29
N GLU A 42 -13.96 11.35 -7.15
CA GLU A 42 -13.05 12.42 -6.76
C GLU A 42 -14.02 13.54 -6.36
N GLY A 43 -13.73 14.21 -5.27
CA GLY A 43 -14.59 15.29 -4.80
C GLY A 43 -13.86 16.40 -4.08
N VAL A 44 -14.63 17.36 -3.57
CA VAL A 44 -14.13 18.52 -2.82
C VAL A 44 -14.98 18.68 -1.57
N TYR A 45 -14.33 18.64 -0.40
CA TYR A 45 -15.00 18.86 0.87
C TYR A 45 -14.60 20.27 1.36
N THR A 46 -15.62 21.10 1.68
CA THR A 46 -15.41 22.43 2.22
C THR A 46 -15.70 22.37 3.71
N ASN A 47 -14.73 22.72 4.54
CA ASN A 47 -14.90 22.68 5.99
C ASN A 47 -15.48 24.00 6.55
N HIS A 48 -15.50 24.11 7.89
CA HIS A 48 -16.01 25.25 8.68
C HIS A 48 -15.30 26.57 8.34
N LYS A 49 -13.98 26.52 8.12
CA LYS A 49 -13.11 27.65 7.77
C LYS A 49 -13.33 28.10 6.30
N GLY A 50 -13.91 27.23 5.48
CA GLY A 50 -14.12 27.50 4.07
C GLY A 50 -12.97 26.95 3.25
N GLU A 51 -12.10 26.15 3.89
CA GLU A 51 -10.95 25.51 3.27
C GLU A 51 -11.42 24.31 2.43
N LYS A 52 -10.93 24.22 1.20
CA LYS A 52 -11.29 23.16 0.26
C LYS A 52 -10.33 22.00 0.34
N ILE A 53 -10.84 20.83 0.77
CA ILE A 53 -10.06 19.60 0.91
C ILE A 53 -10.45 18.63 -0.20
N ASN A 54 -9.45 18.18 -1.01
CA ASN A 54 -9.67 17.19 -2.06
C ASN A 54 -9.95 15.85 -1.39
N VAL A 55 -11.02 15.15 -1.83
CA VAL A 55 -11.47 13.89 -1.23
C VAL A 55 -11.77 12.77 -2.25
N ALA A 56 -11.76 11.50 -1.78
CA ALA A 56 -12.16 10.30 -2.51
C ALA A 56 -13.44 9.89 -1.79
N VAL A 57 -14.57 9.83 -2.51
CA VAL A 57 -15.88 9.51 -1.95
C VAL A 57 -16.32 8.10 -2.35
N LYS A 58 -16.34 7.19 -1.38
CA LYS A 58 -16.67 5.79 -1.58
C LYS A 58 -18.14 5.57 -1.39
N THR A 59 -18.79 4.93 -2.38
CA THR A 59 -20.22 4.67 -2.35
C THR A 59 -20.52 3.17 -2.20
N CYS A 60 -21.79 2.84 -1.89
CA CYS A 60 -22.27 1.48 -1.70
C CYS A 60 -23.61 1.30 -2.41
N LYS A 61 -23.74 0.23 -3.22
CA LYS A 61 -24.97 -0.10 -3.95
C LYS A 61 -26.13 -0.18 -2.96
N LYS A 62 -27.29 0.42 -3.29
CA LYS A 62 -28.47 0.40 -2.41
C LYS A 62 -29.03 -1.00 -2.15
N ASP A 63 -29.03 -1.88 -3.16
CA ASP A 63 -29.58 -3.25 -3.03
C ASP A 63 -28.62 -4.30 -2.39
N CYS A 64 -27.59 -3.86 -1.65
CA CYS A 64 -26.67 -4.81 -1.02
C CYS A 64 -27.32 -5.45 0.21
N THR A 65 -26.82 -6.62 0.64
CA THR A 65 -27.32 -7.30 1.85
C THR A 65 -26.92 -6.45 3.08
N LEU A 66 -27.59 -6.66 4.23
CA LEU A 66 -27.27 -5.92 5.46
C LEU A 66 -25.83 -6.20 5.87
N ASP A 67 -25.39 -7.47 5.70
CA ASP A 67 -24.05 -7.99 5.95
C ASP A 67 -23.02 -7.20 5.14
N ASN A 68 -23.28 -6.96 3.85
CA ASN A 68 -22.37 -6.20 2.98
C ASN A 68 -22.36 -4.71 3.30
N LYS A 69 -23.53 -4.13 3.64
CA LYS A 69 -23.65 -2.73 4.06
C LYS A 69 -22.81 -2.53 5.35
N GLU A 70 -22.83 -3.53 6.26
CA GLU A 70 -22.05 -3.53 7.51
C GLU A 70 -20.55 -3.58 7.19
N LYS A 71 -20.14 -4.46 6.27
CA LYS A 71 -18.74 -4.61 5.85
C LYS A 71 -18.22 -3.29 5.23
N PHE A 72 -19.07 -2.64 4.40
CA PHE A 72 -18.71 -1.38 3.76
C PHE A 72 -18.48 -0.30 4.83
N MET A 73 -19.44 -0.15 5.76
CA MET A 73 -19.35 0.83 6.85
C MET A 73 -18.26 0.55 7.86
N SER A 74 -17.87 -0.73 8.00
CA SER A 74 -16.80 -1.15 8.91
C SER A 74 -15.46 -0.49 8.56
N GLU A 75 -15.27 -0.08 7.28
CA GLU A 75 -14.04 0.61 6.89
C GLU A 75 -13.92 1.95 7.61
N ALA A 76 -15.03 2.71 7.67
CA ALA A 76 -15.07 4.02 8.30
C ALA A 76 -14.92 3.90 9.82
N VAL A 77 -15.58 2.89 10.43
CA VAL A 77 -15.52 2.63 11.88
C VAL A 77 -14.07 2.30 12.29
N ILE A 78 -13.36 1.49 11.47
CA ILE A 78 -11.97 1.09 11.69
C ILE A 78 -11.01 2.26 11.43
N MET A 79 -11.06 2.82 10.19
CA MET A 79 -10.14 3.87 9.72
C MET A 79 -10.12 5.15 10.54
N LYS A 80 -11.22 5.46 11.24
CA LYS A 80 -11.25 6.64 12.12
C LYS A 80 -10.23 6.52 13.27
N ASN A 81 -9.84 5.28 13.63
CA ASN A 81 -8.86 5.00 14.69
C ASN A 81 -7.41 5.08 14.23
N LEU A 82 -7.18 5.17 12.91
CA LEU A 82 -5.83 5.24 12.35
C LEU A 82 -5.40 6.69 12.17
N ASP A 83 -4.26 7.04 12.79
CA ASP A 83 -3.73 8.41 12.75
C ASP A 83 -2.21 8.35 12.59
N HIS A 84 -1.75 7.47 11.71
CA HIS A 84 -0.34 7.26 11.45
C HIS A 84 0.10 8.17 10.29
N PRO A 85 1.29 8.82 10.37
CA PRO A 85 1.73 9.69 9.26
C PRO A 85 1.92 8.98 7.91
N HIS A 86 2.03 7.64 7.91
CA HIS A 86 2.26 6.88 6.66
C HIS A 86 1.16 5.90 6.31
N ILE A 87 -0.04 6.20 6.80
CA ILE A 87 -1.26 5.47 6.51
C ILE A 87 -2.29 6.48 6.04
N VAL A 88 -3.07 6.12 4.99
CA VAL A 88 -4.14 6.96 4.42
C VAL A 88 -5.09 7.45 5.52
N LYS A 89 -5.61 8.68 5.35
CA LYS A 89 -6.46 9.34 6.33
C LYS A 89 -7.94 9.38 5.94
N LEU A 90 -8.82 9.08 6.91
CA LEU A 90 -10.26 9.16 6.77
C LEU A 90 -10.69 10.59 7.15
N ILE A 91 -11.49 11.26 6.32
CA ILE A 91 -11.95 12.61 6.64
C ILE A 91 -13.29 12.52 7.35
N GLY A 92 -14.17 11.67 6.85
CA GLY A 92 -15.51 11.56 7.43
C GLY A 92 -16.41 10.53 6.82
N ILE A 93 -17.63 10.45 7.36
CA ILE A 93 -18.64 9.49 7.00
C ILE A 93 -19.98 10.20 7.02
N ILE A 94 -20.79 10.01 5.98
CA ILE A 94 -22.18 10.49 5.93
C ILE A 94 -22.97 9.19 5.99
N GLU A 95 -23.53 8.87 7.18
CA GLU A 95 -24.30 7.64 7.43
C GLU A 95 -25.61 7.55 6.63
N GLU A 96 -26.41 8.64 6.59
CA GLU A 96 -27.70 8.67 5.87
C GLU A 96 -27.57 8.31 4.39
N GLU A 97 -28.54 7.53 3.87
CA GLU A 97 -28.62 7.05 2.49
C GLU A 97 -28.64 8.23 1.50
N PRO A 98 -27.76 8.27 0.47
CA PRO A 98 -26.70 7.30 0.15
C PRO A 98 -25.44 7.49 1.02
N THR A 99 -25.10 6.43 1.74
CA THR A 99 -23.98 6.35 2.67
C THR A 99 -22.65 6.56 1.95
N TRP A 100 -21.88 7.58 2.36
CA TRP A 100 -20.58 7.88 1.73
C TRP A 100 -19.45 7.89 2.75
N ILE A 101 -18.32 7.24 2.39
CA ILE A 101 -17.08 7.22 3.16
C ILE A 101 -16.15 8.20 2.46
N ILE A 102 -15.71 9.22 3.19
CA ILE A 102 -14.91 10.32 2.64
C ILE A 102 -13.42 10.22 3.07
N MET A 103 -12.57 9.81 2.14
CA MET A 103 -11.14 9.63 2.39
C MET A 103 -10.42 10.87 1.91
N GLU A 104 -9.26 11.18 2.51
CA GLU A 104 -8.48 12.32 2.03
C GLU A 104 -7.82 11.89 0.72
N LEU A 105 -7.95 12.73 -0.33
CA LEU A 105 -7.36 12.45 -1.63
C LEU A 105 -5.94 12.96 -1.70
N TYR A 106 -5.05 12.19 -2.30
CA TYR A 106 -3.67 12.57 -2.50
C TYR A 106 -3.51 12.79 -4.02
N PRO A 107 -3.66 14.05 -4.52
CA PRO A 107 -3.62 14.27 -5.98
C PRO A 107 -2.38 13.83 -6.76
N TYR A 108 -1.22 13.56 -6.10
CA TYR A 108 -0.04 13.02 -6.81
C TYR A 108 -0.32 11.58 -7.27
N GLY A 109 -1.31 10.92 -6.65
CA GLY A 109 -1.74 9.57 -6.99
C GLY A 109 -0.84 8.47 -6.46
N GLU A 110 -0.93 7.28 -7.10
CA GLU A 110 -0.17 6.09 -6.71
C GLU A 110 1.32 6.25 -6.93
N LEU A 111 2.12 5.72 -6.00
CA LEU A 111 3.57 5.82 -6.03
C LEU A 111 4.22 5.23 -7.32
N GLY A 112 3.73 4.10 -7.80
CA GLY A 112 4.28 3.44 -8.98
C GLY A 112 4.25 4.31 -10.22
N HIS A 113 3.09 4.94 -10.46
CA HIS A 113 2.89 5.87 -11.58
C HIS A 113 3.71 7.12 -11.37
N TYR A 114 3.78 7.60 -10.12
CA TYR A 114 4.58 8.78 -9.72
C TYR A 114 6.08 8.52 -10.00
N LEU A 115 6.58 7.32 -9.63
CA LEU A 115 7.98 6.96 -9.86
C LEU A 115 8.27 6.92 -11.35
N GLU A 116 7.33 6.37 -12.17
CA GLU A 116 7.46 6.25 -13.62
C GLU A 116 7.61 7.63 -14.28
N ARG A 117 6.82 8.62 -13.82
CA ARG A 117 6.81 10.00 -14.33
C ARG A 117 8.05 10.81 -13.93
N ASN A 118 8.61 10.55 -12.74
CA ASN A 118 9.73 11.33 -12.20
C ASN A 118 11.06 10.58 -12.12
N LYS A 119 11.22 9.51 -12.90
CA LYS A 119 12.44 8.69 -12.91
C LYS A 119 13.78 9.42 -13.15
N ASN A 120 13.76 10.50 -13.96
CA ASN A 120 14.97 11.28 -14.26
C ASN A 120 15.35 12.32 -13.18
N SER A 121 14.51 12.53 -12.16
CA SER A 121 14.79 13.51 -11.11
C SER A 121 14.84 12.94 -9.68
N LEU A 122 14.44 11.69 -9.50
CA LEU A 122 14.43 11.05 -8.18
C LEU A 122 15.79 10.53 -7.78
N LYS A 123 16.21 10.80 -6.53
CA LYS A 123 17.49 10.32 -6.00
C LYS A 123 17.26 9.03 -5.24
N VAL A 124 18.29 8.20 -5.10
CA VAL A 124 18.16 6.91 -4.37
C VAL A 124 17.77 7.14 -2.90
N LEU A 125 18.26 8.23 -2.27
CA LEU A 125 17.94 8.53 -0.87
C LEU A 125 16.41 8.64 -0.67
N THR A 126 15.72 9.27 -1.64
CA THR A 126 14.26 9.43 -1.63
C THR A 126 13.55 8.09 -1.74
N LEU A 127 14.09 7.16 -2.54
CA LEU A 127 13.53 5.81 -2.70
C LEU A 127 13.72 5.00 -1.41
N VAL A 128 14.86 5.20 -0.72
CA VAL A 128 15.08 4.52 0.56
C VAL A 128 14.12 5.13 1.61
N LEU A 129 13.92 6.46 1.55
CA LEU A 129 13.00 7.17 2.46
C LEU A 129 11.59 6.60 2.35
N TYR A 130 11.08 6.44 1.12
CA TYR A 130 9.72 5.89 0.93
C TYR A 130 9.59 4.48 1.50
N SER A 131 10.63 3.64 1.28
CA SER A 131 10.65 2.26 1.78
C SER A 131 10.58 2.26 3.31
N LEU A 132 11.34 3.15 3.97
CA LEU A 132 11.36 3.28 5.43
C LEU A 132 10.00 3.76 5.97
N GLN A 133 9.35 4.70 5.28
CA GLN A 133 8.04 5.22 5.70
C GLN A 133 6.97 4.11 5.66
N ILE A 134 7.00 3.26 4.61
CA ILE A 134 6.04 2.14 4.50
C ILE A 134 6.34 1.07 5.55
N CYS A 135 7.63 0.84 5.79
CA CYS A 135 8.05 -0.12 6.81
C CYS A 135 7.56 0.29 8.19
N LYS A 136 7.58 1.61 8.49
CA LYS A 136 7.09 2.15 9.77
C LYS A 136 5.58 1.91 9.90
N ALA A 137 4.81 2.10 8.81
CA ALA A 137 3.37 1.87 8.77
C ALA A 137 3.08 0.39 9.06
N MET A 138 3.88 -0.51 8.44
CA MET A 138 3.74 -1.96 8.60
C MET A 138 4.16 -2.43 9.99
N ALA A 139 5.19 -1.79 10.58
CA ALA A 139 5.62 -2.08 11.95
C ALA A 139 4.46 -1.76 12.93
N TYR A 140 3.67 -0.68 12.63
CA TYR A 140 2.51 -0.40 13.47
C TYR A 140 1.44 -1.51 13.33
N LEU A 141 1.14 -1.93 12.07
CA LEU A 141 0.15 -3.01 11.83
C LEU A 141 0.57 -4.33 12.44
N GLU A 142 1.90 -4.60 12.45
CA GLU A 142 2.50 -5.79 13.05
C GLU A 142 2.28 -5.81 14.57
N SER A 143 2.37 -4.62 15.21
CA SER A 143 2.19 -4.46 16.67
C SER A 143 0.77 -4.80 17.13
N ILE A 144 -0.21 -4.74 16.21
CA ILE A 144 -1.59 -5.10 16.52
C ILE A 144 -2.00 -6.44 15.85
N ASN A 145 -0.99 -7.21 15.39
CA ASN A 145 -1.14 -8.52 14.74
C ASN A 145 -2.06 -8.51 13.53
N CYS A 146 -2.08 -7.39 12.78
CA CYS A 146 -2.85 -7.27 11.55
C CYS A 146 -1.97 -7.53 10.34
N VAL A 147 -2.57 -8.12 9.31
CA VAL A 147 -1.86 -8.39 8.07
C VAL A 147 -2.45 -7.50 6.98
N HIS A 148 -1.62 -7.03 6.05
CA HIS A 148 -2.08 -6.19 4.96
C HIS A 148 -2.56 -7.09 3.81
N ARG A 149 -1.72 -8.07 3.41
CA ARG A 149 -1.89 -9.07 2.34
C ARG A 149 -1.89 -8.60 0.90
N ASP A 150 -1.69 -7.29 0.66
CA ASP A 150 -1.65 -6.76 -0.70
C ASP A 150 -0.64 -5.62 -0.82
N ILE A 151 0.56 -5.79 -0.22
CA ILE A 151 1.58 -4.75 -0.26
C ILE A 151 2.16 -4.67 -1.65
N ALA A 152 1.97 -3.53 -2.28
CA ALA A 152 2.41 -3.23 -3.65
C ALA A 152 2.43 -1.73 -3.81
N VAL A 153 3.19 -1.24 -4.79
CA VAL A 153 3.34 0.18 -5.05
C VAL A 153 2.01 0.84 -5.49
N ARG A 154 1.07 0.04 -6.05
CA ARG A 154 -0.26 0.53 -6.45
C ARG A 154 -1.18 0.85 -5.23
N ASN A 155 -0.83 0.38 -4.02
CA ASN A 155 -1.55 0.59 -2.76
C ASN A 155 -0.89 1.68 -1.92
N ILE A 156 0.09 2.39 -2.51
CA ILE A 156 0.80 3.47 -1.82
C ILE A 156 0.52 4.76 -2.57
N LEU A 157 0.15 5.81 -1.82
CA LEU A 157 -0.15 7.12 -2.39
C LEU A 157 0.89 8.14 -1.98
N VAL A 158 1.12 9.12 -2.85
CA VAL A 158 2.11 10.15 -2.63
C VAL A 158 1.38 11.37 -2.09
N ALA A 159 1.52 11.65 -0.77
CA ALA A 159 0.90 12.82 -0.14
C ALA A 159 1.67 14.07 -0.55
N SER A 160 3.00 13.94 -0.68
CA SER A 160 3.91 15.00 -1.12
C SER A 160 5.23 14.32 -1.52
N PRO A 161 6.19 15.01 -2.18
CA PRO A 161 7.47 14.34 -2.52
C PRO A 161 8.24 13.83 -1.29
N GLU A 162 7.88 14.32 -0.08
CA GLU A 162 8.52 13.96 1.19
C GLU A 162 7.69 12.95 2.02
N CYS A 163 6.48 12.56 1.56
CA CYS A 163 5.62 11.67 2.34
C CYS A 163 4.77 10.72 1.53
N VAL A 164 4.92 9.40 1.80
CA VAL A 164 4.06 8.41 1.18
C VAL A 164 3.08 7.87 2.22
N LYS A 165 1.94 7.34 1.75
CA LYS A 165 0.89 6.82 2.60
C LYS A 165 0.41 5.46 2.14
N LEU A 166 0.37 4.50 3.06
CA LEU A 166 -0.05 3.14 2.74
C LEU A 166 -1.57 3.03 2.83
N GLY A 167 -2.18 2.44 1.82
CA GLY A 167 -3.62 2.17 1.74
C GLY A 167 -3.87 0.70 1.49
N ASP A 168 -5.14 0.30 1.47
CA ASP A 168 -5.54 -1.10 1.19
C ASP A 168 -6.89 -0.98 0.47
N PHE A 169 -6.82 -0.72 -0.84
CA PHE A 169 -7.99 -0.44 -1.67
C PHE A 169 -8.08 -1.23 -2.98
N GLY A 170 -7.37 -2.36 -3.05
CA GLY A 170 -7.42 -3.25 -4.21
C GLY A 170 -8.72 -4.04 -4.19
N LEU A 171 -9.16 -4.52 -5.36
CA LEU A 171 -10.43 -5.25 -5.46
C LEU A 171 -10.47 -6.68 -4.88
N SER A 172 -9.39 -7.06 -4.16
CA SER A 172 -9.27 -8.30 -3.40
C SER A 172 -8.96 -7.83 -1.98
N ARG A 173 -9.94 -7.95 -1.07
CA ARG A 173 -9.80 -7.47 0.30
C ARG A 173 -10.62 -8.31 1.28
N ASP A 177 -7.99 -5.29 10.41
CA ASP A 177 -9.13 -6.04 9.92
C ASP A 177 -8.79 -7.44 9.36
N GLU A 178 -7.67 -7.59 8.59
CA GLU A 178 -7.26 -8.92 8.12
C GLU A 178 -6.38 -9.60 9.18
N VAL A 185 -10.04 -17.66 -8.02
CA VAL A 185 -8.88 -18.11 -8.78
C VAL A 185 -7.70 -17.14 -8.53
N THR A 186 -7.61 -16.03 -9.33
CA THR A 186 -6.60 -14.96 -9.26
C THR A 186 -6.92 -13.80 -10.24
N ARG A 187 -7.35 -12.58 -9.79
CA ARG A 187 -7.64 -12.01 -8.46
C ARG A 187 -6.47 -11.74 -7.50
N LEU A 188 -5.60 -12.74 -7.29
CA LEU A 188 -4.49 -12.65 -6.36
C LEU A 188 -3.20 -12.08 -6.96
N PRO A 189 -2.42 -11.28 -6.18
CA PRO A 189 -1.18 -10.72 -6.72
C PRO A 189 -0.03 -11.72 -6.63
N ILE A 190 -0.09 -12.79 -7.45
CA ILE A 190 0.87 -13.91 -7.48
C ILE A 190 2.35 -13.47 -7.47
N LYS A 191 2.68 -12.49 -8.32
CA LYS A 191 4.05 -11.98 -8.45
C LYS A 191 4.61 -11.26 -7.23
N TRP A 192 3.75 -10.98 -6.23
CA TRP A 192 4.17 -10.31 -4.99
C TRP A 192 4.14 -11.24 -3.78
N MET A 193 3.44 -12.39 -3.90
CA MET A 193 3.17 -13.32 -2.82
C MET A 193 4.30 -14.25 -2.41
N SER A 194 4.32 -14.60 -1.11
CA SER A 194 5.29 -15.54 -0.54
C SER A 194 4.93 -16.96 -1.06
N PRO A 195 5.88 -17.94 -1.04
CA PRO A 195 5.55 -19.31 -1.48
C PRO A 195 4.45 -19.97 -0.64
N GLU A 196 4.38 -19.69 0.70
CA GLU A 196 3.30 -20.27 1.54
C GLU A 196 1.92 -19.68 1.15
N SER A 197 1.88 -18.40 0.69
CA SER A 197 0.64 -17.75 0.25
C SER A 197 0.19 -18.32 -1.09
N ILE A 198 1.13 -18.53 -2.06
CA ILE A 198 0.81 -19.13 -3.36
C ILE A 198 0.36 -20.62 -3.20
N ASN A 199 1.15 -21.42 -2.44
CA ASN A 199 0.87 -22.85 -2.28
C ASN A 199 -0.33 -23.18 -1.40
N PHE A 200 -0.46 -22.52 -0.23
CA PHE A 200 -1.49 -22.87 0.75
C PHE A 200 -2.46 -21.78 1.18
N ARG A 201 -2.36 -20.56 0.57
CA ARG A 201 -3.19 -19.39 0.94
C ARG A 201 -2.99 -18.98 2.41
N ARG A 202 -1.77 -19.23 2.95
CA ARG A 202 -1.37 -18.85 4.30
C ARG A 202 -0.89 -17.38 4.22
N PHE A 203 -1.46 -16.47 5.03
CA PHE A 203 -1.07 -15.07 5.05
C PHE A 203 -0.76 -14.69 6.50
N THR A 204 0.51 -14.43 6.81
CA THR A 204 0.94 -14.04 8.16
C THR A 204 1.70 -12.73 8.01
N THR A 205 2.14 -12.14 9.14
CA THR A 205 2.97 -10.96 9.10
C THR A 205 4.27 -11.28 8.37
N ALA A 206 4.78 -12.55 8.47
CA ALA A 206 5.99 -13.00 7.74
C ALA A 206 5.77 -12.99 6.22
N SER A 207 4.54 -13.31 5.77
CA SER A 207 4.25 -13.26 4.34
C SER A 207 4.18 -11.80 3.88
N ASP A 208 3.70 -10.90 4.75
CA ASP A 208 3.65 -9.44 4.45
C ASP A 208 5.09 -8.95 4.28
N VAL A 209 6.03 -9.44 5.12
CA VAL A 209 7.44 -9.05 4.99
C VAL A 209 7.98 -9.38 3.59
N TRP A 210 7.69 -10.60 3.06
CA TRP A 210 8.08 -11.01 1.71
C TRP A 210 7.51 -10.02 0.69
N MET A 211 6.18 -9.71 0.81
CA MET A 211 5.50 -8.79 -0.11
C MET A 211 6.09 -7.40 -0.04
N PHE A 212 6.43 -6.93 1.18
CA PHE A 212 7.02 -5.61 1.40
C PHE A 212 8.34 -5.47 0.64
N ALA A 213 9.20 -6.50 0.68
CA ALA A 213 10.46 -6.46 -0.09
C ALA A 213 10.18 -6.47 -1.60
N VAL A 214 9.09 -7.10 -2.04
CA VAL A 214 8.74 -7.05 -3.48
C VAL A 214 8.39 -5.60 -3.81
N CYS A 215 7.65 -4.93 -2.89
CA CYS A 215 7.26 -3.52 -3.01
C CYS A 215 8.50 -2.64 -3.05
N MET A 216 9.52 -2.93 -2.21
CA MET A 216 10.79 -2.17 -2.23
C MET A 216 11.49 -2.35 -3.57
N TRP A 217 11.43 -3.56 -4.16
CA TRP A 217 12.03 -3.82 -5.48
C TRP A 217 11.34 -2.95 -6.53
N GLU A 218 10.00 -2.80 -6.44
CA GLU A 218 9.21 -1.95 -7.35
C GLU A 218 9.68 -0.49 -7.21
N ILE A 219 9.88 -0.01 -5.96
CA ILE A 219 10.33 1.36 -5.66
C ILE A 219 11.71 1.63 -6.27
N LEU A 220 12.69 0.75 -5.97
CA LEU A 220 14.07 0.88 -6.45
C LEU A 220 14.25 0.70 -7.95
N SER A 221 13.22 0.13 -8.61
CA SER A 221 13.15 -0.12 -10.07
C SER A 221 12.32 0.96 -10.76
N PHE A 222 11.88 2.00 -10.01
CA PHE A 222 11.08 3.12 -10.52
C PHE A 222 9.72 2.68 -11.10
N GLY A 223 9.03 1.79 -10.39
CA GLY A 223 7.70 1.35 -10.76
C GLY A 223 7.59 0.15 -11.69
N LYS A 224 8.70 -0.59 -11.95
CA LYS A 224 8.62 -1.80 -12.80
C LYS A 224 7.82 -2.85 -12.04
N GLN A 225 7.16 -3.76 -12.78
CA GLN A 225 6.36 -4.84 -12.21
C GLN A 225 7.28 -6.02 -11.92
N PRO A 226 7.18 -6.66 -10.74
CA PRO A 226 8.05 -7.81 -10.45
C PRO A 226 7.71 -8.98 -11.34
N PHE A 227 8.73 -9.70 -11.81
CA PHE A 227 8.55 -10.84 -12.72
C PHE A 227 7.72 -10.53 -13.98
N PHE A 228 7.85 -9.30 -14.57
CA PHE A 228 7.12 -8.93 -15.81
C PHE A 228 7.43 -9.88 -16.97
N TRP A 229 8.58 -10.55 -16.91
CA TRP A 229 9.10 -11.47 -17.92
C TRP A 229 8.50 -12.88 -17.79
N LEU A 230 7.65 -13.15 -16.77
CA LEU A 230 7.02 -14.48 -16.57
C LEU A 230 5.50 -14.34 -16.59
N GLU A 231 4.80 -15.48 -16.75
CA GLU A 231 3.36 -15.56 -16.58
C GLU A 231 3.16 -15.95 -15.10
N ASN A 232 1.99 -15.64 -14.51
CA ASN A 232 1.66 -15.98 -13.12
C ASN A 232 1.95 -17.44 -12.72
N LYS A 233 1.58 -18.41 -13.61
CA LYS A 233 1.77 -19.84 -13.36
C LYS A 233 3.25 -20.30 -13.25
N ASP A 234 4.20 -19.50 -13.79
CA ASP A 234 5.64 -19.85 -13.75
C ASP A 234 6.29 -19.45 -12.44
N VAL A 235 5.70 -18.49 -11.71
CA VAL A 235 6.28 -17.88 -10.49
C VAL A 235 6.74 -18.88 -9.41
N ILE A 236 5.83 -19.74 -8.95
CA ILE A 236 6.16 -20.70 -7.89
C ILE A 236 7.36 -21.60 -8.23
N GLY A 237 7.42 -22.09 -9.47
CA GLY A 237 8.51 -22.95 -9.95
C GLY A 237 9.87 -22.28 -9.86
N VAL A 238 9.90 -21.00 -10.20
CA VAL A 238 11.10 -20.16 -10.15
C VAL A 238 11.54 -19.97 -8.69
N LEU A 239 10.58 -19.66 -7.81
CA LEU A 239 10.86 -19.47 -6.37
C LEU A 239 11.33 -20.75 -5.72
N GLU A 240 10.67 -21.89 -6.01
CA GLU A 240 11.06 -23.19 -5.44
C GLU A 240 12.47 -23.63 -5.81
N LYS A 241 12.93 -23.25 -7.01
CA LYS A 241 14.28 -23.56 -7.52
C LYS A 241 15.36 -22.64 -6.92
N GLY A 242 14.97 -21.60 -6.18
CA GLY A 242 15.92 -20.65 -5.59
C GLY A 242 16.14 -19.35 -6.35
N ASP A 243 15.40 -19.12 -7.45
CA ASP A 243 15.55 -17.88 -8.20
C ASP A 243 14.80 -16.75 -7.51
N ARG A 244 15.32 -15.55 -7.65
CA ARG A 244 14.79 -14.35 -7.02
C ARG A 244 14.87 -13.17 -7.98
N LEU A 245 14.13 -12.11 -7.67
CA LEU A 245 14.15 -10.85 -8.41
C LEU A 245 15.58 -10.30 -8.40
N PRO A 246 16.13 -9.86 -9.55
CA PRO A 246 17.52 -9.37 -9.55
C PRO A 246 17.61 -7.99 -8.93
N LYS A 247 18.82 -7.61 -8.47
CA LYS A 247 19.00 -6.31 -7.85
C LYS A 247 18.73 -5.19 -8.86
N PRO A 248 17.83 -4.23 -8.55
CA PRO A 248 17.59 -3.12 -9.48
C PRO A 248 18.89 -2.31 -9.60
N ASP A 249 19.10 -1.70 -10.75
CA ASP A 249 20.30 -0.92 -11.08
C ASP A 249 20.79 0.03 -9.98
N LEU A 250 19.90 0.87 -9.45
CA LEU A 250 20.29 1.88 -8.46
C LEU A 250 20.11 1.44 -7.02
N CYS A 251 19.77 0.15 -6.80
CA CYS A 251 19.59 -0.34 -5.45
C CYS A 251 20.95 -0.52 -4.76
N PRO A 252 21.17 0.13 -3.59
CA PRO A 252 22.45 -0.07 -2.88
C PRO A 252 22.63 -1.55 -2.51
N PRO A 253 23.85 -2.17 -2.66
CA PRO A 253 24.01 -3.59 -2.31
C PRO A 253 23.49 -4.04 -0.92
N VAL A 254 23.68 -3.21 0.13
CA VAL A 254 23.20 -3.52 1.48
C VAL A 254 21.66 -3.60 1.54
N LEU A 255 20.97 -2.74 0.76
CA LEU A 255 19.50 -2.80 0.70
C LEU A 255 19.02 -4.09 0.02
N TYR A 256 19.72 -4.53 -1.05
CA TYR A 256 19.40 -5.77 -1.73
C TYR A 256 19.60 -6.96 -0.81
N THR A 257 20.64 -6.94 0.04
CA THR A 257 20.84 -8.02 1.04
C THR A 257 19.60 -8.14 1.96
N LEU A 258 19.07 -6.99 2.43
CA LEU A 258 17.86 -6.94 3.27
C LEU A 258 16.65 -7.52 2.52
N MET A 259 16.48 -7.16 1.22
CA MET A 259 15.40 -7.69 0.38
C MET A 259 15.49 -9.22 0.32
N THR A 260 16.71 -9.76 0.09
CA THR A 260 16.89 -11.23 0.01
C THR A 260 16.58 -11.96 1.30
N ARG A 261 16.75 -11.32 2.46
CA ARG A 261 16.42 -11.91 3.76
C ARG A 261 14.89 -12.00 3.93
N CYS A 262 14.18 -11.00 3.41
CA CYS A 262 12.71 -10.96 3.39
C CYS A 262 12.18 -12.02 2.44
N TRP A 263 13.01 -12.42 1.45
CA TRP A 263 12.63 -13.47 0.51
C TRP A 263 13.16 -14.86 0.90
N ASP A 264 13.44 -15.09 2.19
CA ASP A 264 13.83 -16.43 2.61
C ASP A 264 12.59 -17.32 2.44
N TYR A 265 12.76 -18.53 1.90
CA TYR A 265 11.65 -19.47 1.72
C TYR A 265 10.99 -19.75 3.08
N ASP A 266 11.82 -19.90 4.12
CA ASP A 266 11.37 -20.17 5.48
C ASP A 266 10.86 -18.86 6.10
N PRO A 267 9.54 -18.75 6.45
CA PRO A 267 9.02 -17.51 7.04
C PRO A 267 9.71 -17.06 8.34
N SER A 268 10.20 -18.00 9.14
CA SER A 268 10.86 -17.74 10.43
C SER A 268 12.22 -17.06 10.28
N ASP A 269 12.79 -17.09 9.06
CA ASP A 269 14.08 -16.46 8.79
C ASP A 269 13.91 -15.06 8.26
N ARG A 270 12.67 -14.65 7.99
CA ARG A 270 12.42 -13.27 7.52
C ARG A 270 12.43 -12.33 8.73
N PRO A 271 12.98 -11.11 8.65
CA PRO A 271 12.94 -10.22 9.83
C PRO A 271 11.52 -9.75 10.12
N ARG A 272 11.29 -9.30 11.34
CA ARG A 272 10.02 -8.68 11.70
C ARG A 272 10.06 -7.28 11.14
N PHE A 273 8.90 -6.66 10.87
CA PHE A 273 8.89 -5.27 10.43
C PHE A 273 9.52 -4.33 11.48
N THR A 274 9.28 -4.57 12.77
CA THR A 274 9.82 -3.72 13.86
C THR A 274 11.36 -3.62 13.79
N GLU A 275 12.04 -4.75 13.53
CA GLU A 275 13.50 -4.77 13.41
C GLU A 275 13.94 -4.28 12.03
N LEU A 276 13.15 -4.55 10.97
CA LEU A 276 13.48 -4.09 9.62
C LEU A 276 13.50 -2.53 9.56
N VAL A 277 12.72 -1.86 10.43
CA VAL A 277 12.71 -0.39 10.56
C VAL A 277 14.13 0.05 10.94
N CYS A 278 14.77 -0.66 11.90
CA CYS A 278 16.14 -0.40 12.36
C CYS A 278 17.17 -0.55 11.25
N SER A 279 17.07 -1.66 10.49
CA SER A 279 17.97 -1.98 9.37
C SER A 279 17.79 -0.96 8.23
N LEU A 280 16.53 -0.57 7.93
CA LEU A 280 16.28 0.43 6.88
C LEU A 280 16.75 1.83 7.27
N SER A 281 16.62 2.20 8.57
CA SER A 281 17.11 3.48 9.08
C SER A 281 18.65 3.53 8.95
N ASP A 282 19.32 2.40 9.16
CA ASP A 282 20.77 2.30 9.01
C ASP A 282 21.16 2.54 7.54
N VAL A 283 20.45 1.93 6.59
CA VAL A 283 20.66 2.10 5.13
C VAL A 283 20.39 3.58 4.73
N TYR A 284 19.32 4.18 5.26
CA TYR A 284 18.99 5.58 4.99
C TYR A 284 20.12 6.51 5.43
N GLN A 285 20.64 6.32 6.66
CA GLN A 285 21.73 7.14 7.20
C GLN A 285 23.03 6.94 6.41
N MET A 286 23.29 5.70 5.98
CA MET A 286 24.45 5.33 5.16
C MET A 286 24.37 6.07 3.82
N GLU A 287 23.17 6.10 3.19
CA GLU A 287 22.93 6.76 1.91
C GLU A 287 23.01 8.29 2.00
N LYS A 288 22.45 8.87 3.08
CA LYS A 288 22.47 10.31 3.33
C LYS A 288 23.92 10.82 3.48
N ASP A 289 24.77 10.07 4.22
CA ASP A 289 26.19 10.41 4.43
C ASP A 289 26.97 10.47 3.12
N ILE A 290 26.70 9.54 2.19
CA ILE A 290 27.32 9.50 0.85
C ILE A 290 26.78 10.66 -0.01
N ALA A 291 25.46 10.95 0.10
CA ALA A 291 24.80 12.03 -0.63
C ALA A 291 25.12 13.39 -0.01
C1 0YH B . -12.97 -2.95 6.03
C2 0YH B . -8.05 5.01 -3.83
C3 0YH B . -4.43 0.47 7.56
C4 0YH B . -3.29 0.42 5.34
C5 0YH B . -4.12 -1.69 6.35
C6 0YH B . -5.71 9.43 -4.86
C7 0YH B . -11.27 -1.91 4.50
C8 0YH B . -10.84 -1.92 6.87
C9 0YH B . -10.03 -1.30 4.26
C10 0YH B . -9.63 -1.28 6.66
C11 0YH B . -6.87 8.43 -1.48
C12 0YH B . -7.45 7.36 -0.84
C13 0YH B . -7.06 7.26 -3.59
C14 0YH B . -8.14 4.62 0.49
C15 0YH B . -6.26 0.97 4.71
C16 0YH B . -11.65 -2.24 5.79
C17 0YH B . -7.66 6.17 -2.96
C18 0YH B . -9.22 -0.96 5.35
C19 0YH B . -6.66 8.39 -2.87
C20 0YH B . -7.85 6.21 -1.55
C21 0YH B . -8.51 5.13 -0.78
C22 0YH B . -5.81 -0.01 5.60
C23 0YH B . -9.04 3.65 0.81
C24 0YH B . -7.60 0.75 4.47
C25 0YH B . -8.13 2.26 2.60
C26 0YH B . -4.42 -0.19 6.19
N27 0YH B . -9.96 3.58 -0.19
N28 0YH B . -9.62 4.52 -1.16
N29 0YH B . -6.82 -0.80 5.88
N30 0YH B . -9.14 2.87 1.95
N31 0YH B . -8.47 1.49 3.66
N32 0YH B . -7.95 -0.37 5.19
O33 0YH B . -6.98 2.39 2.25
O34 0YH B . -6.06 9.46 -3.47
#